data_3IWF
#
_entry.id   3IWF
#
_cell.length_a   48.921
_cell.length_b   54.028
_cell.length_c   173.044
_cell.angle_alpha   90.000
_cell.angle_beta   90.000
_cell.angle_gamma   90.000
#
_symmetry.space_group_name_H-M   'C 2 2 21'
#
loop_
_entity.id
_entity.type
_entity.pdbx_description
1 polymer 'Transcription regulator RpiR family'
2 non-polymer 'CHLORIDE ION'
3 non-polymer 'NICKEL (II) ION'
4 non-polymer 'SODIUM ION'
5 non-polymer 2-METHOXYETHANOL
6 non-polymer 2-AMINO-2-HYDROXYMETHYL-PROPANE-1,3-DIOL
7 water water
#
_entity_poly.entity_id   1
_entity_poly.type   'polypeptide(L)'
_entity_poly.pdbx_seq_one_letter_code
;(MSE)PNILYKIDNQYPYFTKNEKKIAQFILNYPHKVVN(MSE)TSQEIANQLETSSTSIIRLSKKVTPGGFNELKTRLS
KFLPKEVTQYNVELVDNESTISLKNKLHSRSKAAL
;
_entity_poly.pdbx_strand_id   A,B
#
loop_
_chem_comp.id
_chem_comp.type
_chem_comp.name
_chem_comp.formula
CL non-polymer 'CHLORIDE ION' 'Cl -1'
MXE non-polymer 2-METHOXYETHANOL 'C3 H8 O2'
NA non-polymer 'SODIUM ION' 'Na 1'
NI non-polymer 'NICKEL (II) ION' 'Ni 2'
TRS non-polymer 2-AMINO-2-HYDROXYMETHYL-PROPANE-1,3-DIOL 'C4 H12 N O3 1'
#
# COMPACT_ATOMS: atom_id res chain seq x y z
N MSE A 1 14.23 -9.97 14.39
CA MSE A 1 12.77 -9.67 14.32
C MSE A 1 12.11 -10.47 13.21
O MSE A 1 12.55 -10.42 12.05
CB MSE A 1 12.53 -8.18 14.13
N PRO A 2 11.03 -11.20 13.55
CA PRO A 2 10.31 -12.01 12.55
C PRO A 2 9.71 -11.15 11.44
N ASN A 3 9.48 -11.77 10.28
CA ASN A 3 8.84 -11.08 9.19
C ASN A 3 8.00 -12.10 8.42
N ILE A 4 6.69 -11.97 8.52
CA ILE A 4 5.79 -12.91 7.90
C ILE A 4 5.89 -12.94 6.37
N LEU A 5 6.14 -11.81 5.71
CA LEU A 5 6.26 -11.80 4.25
C LEU A 5 7.53 -12.53 3.80
N TYR A 6 8.63 -12.31 4.53
CA TYR A 6 9.90 -13.04 4.32
C TYR A 6 9.66 -14.54 4.42
N LYS A 7 8.94 -14.96 5.45
CA LYS A 7 8.64 -16.39 5.63
C LYS A 7 7.82 -16.93 4.46
N ILE A 8 6.71 -16.25 4.12
CA ILE A 8 5.85 -16.78 3.07
C ILE A 8 6.61 -16.84 1.73
N ASP A 9 7.37 -15.81 1.41
CA ASP A 9 8.11 -15.78 0.15
C ASP A 9 9.03 -17.00 0.04
N ASN A 10 9.73 -17.33 1.14
CA ASN A 10 10.72 -18.38 1.10
C ASN A 10 10.14 -19.77 1.28
N GLN A 11 8.95 -19.89 1.87
CA GLN A 11 8.27 -21.19 1.95
C GLN A 11 7.45 -21.49 0.71
N TYR A 12 7.07 -20.42 0.00
CA TYR A 12 6.17 -20.52 -1.14
C TYR A 12 6.42 -21.70 -2.14
N PRO A 13 7.69 -21.94 -2.54
CA PRO A 13 7.88 -22.92 -3.62
C PRO A 13 7.39 -24.32 -3.32
N TYR A 14 7.22 -24.66 -2.03
CA TYR A 14 6.82 -26.00 -1.63
C TYR A 14 5.34 -26.15 -1.35
N PHE A 15 4.61 -25.04 -1.43
CA PHE A 15 3.16 -25.04 -1.22
C PHE A 15 2.46 -25.76 -2.37
N THR A 16 1.24 -26.24 -2.12
CA THR A 16 0.42 -26.81 -3.18
C THR A 16 -0.02 -25.72 -4.15
N LYS A 17 -0.57 -26.10 -5.29
CA LYS A 17 -1.07 -25.13 -6.26
C LYS A 17 -2.06 -24.15 -5.63
N ASN A 18 -3.00 -24.69 -4.86
CA ASN A 18 -3.98 -23.82 -4.23
C ASN A 18 -3.40 -22.92 -3.15
N GLU A 19 -2.52 -23.48 -2.34
CA GLU A 19 -1.83 -22.68 -1.32
C GLU A 19 -1.03 -21.55 -1.97
N LYS A 20 -0.38 -21.84 -3.10
CA LYS A 20 0.41 -20.84 -3.84
C LYS A 20 -0.48 -19.70 -4.32
N LYS A 21 -1.68 -20.03 -4.80
CA LYS A 21 -2.57 -18.98 -5.25
C LYS A 21 -2.91 -18.01 -4.11
N ILE A 22 -3.17 -18.56 -2.93
CA ILE A 22 -3.51 -17.73 -1.77
C ILE A 22 -2.30 -16.94 -1.31
N ALA A 23 -1.15 -17.63 -1.21
CA ALA A 23 0.07 -16.96 -0.75
C ALA A 23 0.51 -15.86 -1.70
N GLN A 24 0.41 -16.08 -3.00
CA GLN A 24 0.81 -15.08 -3.98
C GLN A 24 -0.09 -13.83 -3.80
N PHE A 25 -1.38 -14.04 -3.58
CA PHE A 25 -2.28 -12.93 -3.33
C PHE A 25 -1.86 -12.11 -2.10
N ILE A 26 -1.52 -12.80 -1.01
CA ILE A 26 -1.05 -12.13 0.18
C ILE A 26 0.21 -11.32 -0.09
N LEU A 27 1.16 -11.93 -0.81
CA LEU A 27 2.43 -11.29 -1.07
C LEU A 27 2.28 -10.09 -2.00
N ASN A 28 1.34 -10.19 -2.94
CA ASN A 28 1.16 -9.16 -3.97
C ASN A 28 0.22 -8.05 -3.55
N TYR A 29 -0.70 -8.35 -2.64
CA TYR A 29 -1.70 -7.37 -2.22
C TYR A 29 -1.80 -7.36 -0.68
N PRO A 30 -0.65 -7.18 0.01
CA PRO A 30 -0.68 -7.28 1.49
C PRO A 30 -1.50 -6.17 2.12
N HIS A 31 -1.55 -4.99 1.48
CA HIS A 31 -2.36 -3.91 2.01
C HIS A 31 -3.84 -4.24 1.88
N LYS A 32 -4.22 -4.74 0.70
CA LYS A 32 -5.63 -5.06 0.44
C LYS A 32 -6.11 -6.15 1.42
N VAL A 33 -5.25 -7.14 1.67
CA VAL A 33 -5.63 -8.28 2.52
C VAL A 33 -6.06 -7.89 3.93
N VAL A 34 -5.43 -6.89 4.53
CA VAL A 34 -5.67 -6.59 5.95
C VAL A 34 -7.07 -6.06 6.22
N ASN A 35 -7.77 -5.64 5.17
CA ASN A 35 -9.14 -5.18 5.35
C ASN A 35 -10.15 -6.00 4.56
N MSE A 36 -9.81 -7.28 4.38
CA MSE A 36 -10.69 -8.26 3.78
C MSE A 36 -10.99 -9.39 4.74
O MSE A 36 -10.15 -9.81 5.54
CB MSE A 36 -10.10 -8.86 2.49
CG MSE A 36 -9.88 -7.84 1.36
SE MSE A 36 -9.00 -8.62 -0.17
CE MSE A 36 -10.45 -9.68 -0.91
N THR A 37 -12.23 -9.85 4.66
CA THR A 37 -12.62 -11.06 5.36
C THR A 37 -12.08 -12.25 4.57
N SER A 38 -12.02 -13.40 5.22
N SER A 38 -12.03 -13.38 5.24
CA SER A 38 -11.59 -14.63 4.53
CA SER A 38 -11.62 -14.63 4.61
C SER A 38 -12.53 -15.05 3.40
C SER A 38 -12.52 -14.99 3.41
N GLN A 39 -13.82 -14.73 3.56
CA GLN A 39 -14.79 -15.04 2.54
C GLN A 39 -14.59 -14.18 1.29
N GLU A 40 -14.25 -12.92 1.53
CA GLU A 40 -13.94 -12.00 0.44
C GLU A 40 -12.70 -12.46 -0.35
N ILE A 41 -11.68 -12.92 0.36
CA ILE A 41 -10.49 -13.40 -0.33
C ILE A 41 -10.81 -14.66 -1.14
N ALA A 42 -11.59 -15.57 -0.55
CA ALA A 42 -12.00 -16.79 -1.22
C ALA A 42 -12.72 -16.56 -2.55
N ASN A 43 -13.63 -15.61 -2.53
CA ASN A 43 -14.38 -15.29 -3.75
C ASN A 43 -13.45 -14.72 -4.82
N GLN A 44 -12.52 -13.85 -4.40
CA GLN A 44 -11.61 -13.19 -5.32
C GLN A 44 -10.74 -14.22 -6.02
N LEU A 45 -10.34 -15.25 -5.26
CA LEU A 45 -9.38 -16.23 -5.75
C LEU A 45 -10.07 -17.52 -6.21
N GLU A 46 -11.40 -17.54 -6.21
CA GLU A 46 -12.15 -18.72 -6.60
C GLU A 46 -11.73 -19.95 -5.79
N THR A 47 -11.67 -19.77 -4.46
CA THR A 47 -11.41 -20.88 -3.55
C THR A 47 -12.37 -20.77 -2.34
N SER A 48 -12.17 -21.60 -1.31
CA SER A 48 -13.10 -21.59 -0.17
C SER A 48 -12.56 -20.72 0.98
N SER A 49 -13.45 -20.24 1.85
CA SER A 49 -13.02 -19.51 3.03
CA SER A 49 -12.99 -19.50 3.01
C SER A 49 -12.13 -20.39 3.92
N THR A 50 -12.55 -21.64 4.08
N THR A 50 -12.52 -21.65 4.11
CA THR A 50 -11.78 -22.63 4.84
CA THR A 50 -11.71 -22.55 4.94
C THR A 50 -10.32 -22.70 4.36
C THR A 50 -10.32 -22.79 4.34
N SER A 51 -10.11 -22.79 3.05
N SER A 51 -10.19 -22.65 3.03
CA SER A 51 -8.76 -22.83 2.50
CA SER A 51 -8.91 -22.75 2.36
C SER A 51 -7.94 -21.59 2.90
C SER A 51 -8.00 -21.62 2.85
N ILE A 52 -8.57 -20.41 2.94
CA ILE A 52 -7.86 -19.19 3.34
C ILE A 52 -7.42 -19.35 4.81
N ILE A 53 -8.32 -19.86 5.64
CA ILE A 53 -8.03 -20.12 7.05
C ILE A 53 -6.92 -21.15 7.25
N ARG A 54 -7.00 -22.28 6.54
CA ARG A 54 -5.98 -23.32 6.66
C ARG A 54 -4.59 -22.81 6.25
N LEU A 55 -4.49 -22.04 5.17
CA LEU A 55 -3.14 -21.58 4.82
CA LEU A 55 -3.21 -21.47 4.73
C LEU A 55 -2.66 -20.53 5.81
N SER A 56 -3.56 -19.68 6.29
CA SER A 56 -3.19 -18.75 7.36
C SER A 56 -2.61 -19.47 8.58
N LYS A 57 -3.27 -20.56 9.01
CA LYS A 57 -2.81 -21.32 10.19
C LYS A 57 -1.50 -22.04 9.90
N LYS A 58 -1.28 -22.38 8.63
CA LYS A 58 -0.03 -23.00 8.25
C LYS A 58 1.15 -22.04 8.40
N VAL A 59 0.94 -20.77 8.07
CA VAL A 59 2.04 -19.80 8.10
C VAL A 59 2.20 -19.04 9.42
N THR A 60 1.15 -18.97 10.22
CA THR A 60 1.30 -18.34 11.53
C THR A 60 0.35 -19.02 12.52
N PRO A 61 0.81 -19.26 13.76
CA PRO A 61 0.00 -20.07 14.69
C PRO A 61 -1.42 -19.55 14.95
N GLY A 62 -1.55 -18.22 15.02
CA GLY A 62 -2.84 -17.60 15.30
C GLY A 62 -3.74 -17.44 14.09
N GLY A 63 -3.38 -18.04 12.94
CA GLY A 63 -4.28 -18.07 11.79
C GLY A 63 -4.57 -16.72 11.17
N PHE A 64 -5.77 -16.58 10.61
CA PHE A 64 -6.10 -15.41 9.78
C PHE A 64 -6.03 -14.05 10.51
N ASN A 65 -6.62 -13.97 11.70
CA ASN A 65 -6.53 -12.76 12.52
C ASN A 65 -5.08 -12.38 12.75
N GLU A 66 -4.25 -13.36 13.07
CA GLU A 66 -2.87 -13.07 13.36
C GLU A 66 -2.08 -12.73 12.09
N LEU A 67 -2.41 -13.36 10.97
CA LEU A 67 -1.79 -12.99 9.70
C LEU A 67 -2.02 -11.50 9.43
N LYS A 68 -3.26 -11.05 9.59
CA LYS A 68 -3.57 -9.65 9.32
C LYS A 68 -2.86 -8.71 10.31
N THR A 69 -2.80 -9.12 11.58
N THR A 69 -2.76 -9.09 11.58
CA THR A 69 -2.07 -8.36 12.58
CA THR A 69 -2.06 -8.23 12.53
C THR A 69 -0.60 -8.18 12.17
C THR A 69 -0.55 -8.17 12.25
N ARG A 70 0.03 -9.30 11.84
CA ARG A 70 1.43 -9.32 11.44
C ARG A 70 1.68 -8.52 10.18
N LEU A 71 0.79 -8.64 9.19
CA LEU A 71 0.92 -7.83 7.96
C LEU A 71 0.87 -6.36 8.27
N SER A 72 -0.02 -5.99 9.19
N SER A 72 -0.02 -5.99 9.19
CA SER A 72 -0.25 -4.58 9.48
CA SER A 72 -0.27 -4.58 9.48
C SER A 72 0.98 -3.86 9.98
C SER A 72 0.98 -3.86 9.99
N LYS A 73 1.87 -4.62 10.64
CA LYS A 73 3.14 -4.06 11.11
C LYS A 73 4.07 -3.58 9.98
N PHE A 74 3.88 -4.10 8.77
CA PHE A 74 4.73 -3.77 7.62
C PHE A 74 4.04 -2.83 6.67
N LEU A 75 2.88 -2.32 7.07
CA LEU A 75 2.16 -1.36 6.25
C LEU A 75 2.40 0.06 6.78
N PRO A 76 2.06 1.06 5.98
CA PRO A 76 2.28 2.44 6.41
C PRO A 76 1.50 2.79 7.68
N LYS A 77 2.14 3.56 8.55
CA LYS A 77 1.48 4.13 9.71
C LYS A 77 0.51 5.20 9.25
N GLU A 78 -0.53 5.40 10.04
CA GLU A 78 -1.57 6.34 9.68
C GLU A 78 -1.48 7.57 10.55
N VAL A 79 -1.81 8.72 9.97
CA VAL A 79 -1.78 9.97 10.70
C VAL A 79 -2.93 10.00 11.71
N THR A 80 -2.59 10.35 12.95
CA THR A 80 -3.59 10.47 14.02
C THR A 80 -4.18 11.87 14.01
N GLN A 81 -3.32 12.88 13.96
CA GLN A 81 -3.79 14.25 13.93
C GLN A 81 -3.17 15.00 12.76
N TYR A 82 -4.04 15.63 11.97
CA TYR A 82 -3.60 16.47 10.85
CA TYR A 82 -3.63 16.48 10.86
C TYR A 82 -3.45 17.93 11.30
N ASN A 83 -2.21 18.27 11.66
CA ASN A 83 -1.85 19.59 12.16
C ASN A 83 -1.03 20.34 11.13
N ASN A 97 1.47 9.23 14.85
CA ASN A 97 1.05 8.20 13.91
C ASN A 97 0.68 6.90 14.64
N LYS A 98 -0.18 6.11 14.00
CA LYS A 98 -0.65 4.86 14.60
C LYS A 98 -0.48 3.69 13.64
N LEU A 99 -0.53 2.48 14.20
CA LEU A 99 -0.50 1.25 13.43
C LEU A 99 -1.58 1.26 12.36
N HIS A 100 -1.24 0.77 11.17
CA HIS A 100 -2.21 0.66 10.12
C HIS A 100 -3.41 -0.14 10.60
N SER A 101 -4.60 0.31 10.23
CA SER A 101 -5.84 -0.42 10.54
C SER A 101 -5.84 -1.88 10.05
N ARG A 102 -6.69 -2.67 10.69
CA ARG A 102 -7.02 -4.02 10.24
C ARG A 102 -8.45 -4.25 10.68
N MSE B 1 -8.87 0.31 -14.25
CA MSE B 1 -7.91 1.41 -14.50
C MSE B 1 -6.78 1.44 -13.45
O MSE B 1 -7.00 1.08 -12.29
CB MSE B 1 -8.61 2.77 -14.54
N PRO B 2 -5.58 1.91 -13.84
CA PRO B 2 -4.47 1.90 -12.86
C PRO B 2 -4.71 2.90 -11.73
N ASN B 3 -4.10 2.63 -10.60
CA ASN B 3 -4.21 3.51 -9.44
C ASN B 3 -2.86 3.50 -8.74
N ILE B 4 -2.18 4.65 -8.79
CA ILE B 4 -0.83 4.74 -8.25
C ILE B 4 -0.79 4.55 -6.73
N LEU B 5 -1.82 5.01 -6.02
CA LEU B 5 -1.85 4.84 -4.56
C LEU B 5 -2.04 3.36 -4.21
N TYR B 6 -2.89 2.67 -4.95
CA TYR B 6 -3.09 1.24 -4.82
C TYR B 6 -1.76 0.47 -5.00
N LYS B 7 -1.00 0.87 -6.01
CA LYS B 7 0.30 0.29 -6.26
C LYS B 7 1.26 0.51 -5.09
N ILE B 8 1.41 1.77 -4.67
CA ILE B 8 2.37 2.10 -3.61
C ILE B 8 1.99 1.39 -2.30
N ASP B 9 0.71 1.42 -1.94
CA ASP B 9 0.25 0.70 -0.72
C ASP B 9 0.66 -0.77 -0.71
N ASN B 10 0.47 -1.44 -1.84
CA ASN B 10 0.72 -2.88 -1.91
C ASN B 10 2.17 -3.27 -2.16
N GLN B 11 2.98 -2.34 -2.68
CA GLN B 11 4.42 -2.57 -2.80
C GLN B 11 5.21 -2.15 -1.58
N TYR B 12 4.62 -1.29 -0.75
CA TYR B 12 5.26 -0.68 0.41
C TYR B 12 6.06 -1.66 1.30
N PRO B 13 5.49 -2.84 1.63
CA PRO B 13 6.21 -3.65 2.65
C PRO B 13 7.62 -4.09 2.28
N TYR B 14 7.93 -4.09 0.98
CA TYR B 14 9.23 -4.57 0.51
C TYR B 14 10.24 -3.48 0.23
N PHE B 15 9.81 -2.23 0.36
CA PHE B 15 10.69 -1.10 0.16
C PHE B 15 11.75 -1.03 1.27
N THR B 16 12.85 -0.33 1.00
CA THR B 16 13.86 -0.09 2.00
C THR B 16 13.31 0.89 3.04
N LYS B 17 14.03 1.06 4.15
CA LYS B 17 13.63 2.01 5.20
C LYS B 17 13.42 3.42 4.65
N ASN B 18 14.36 3.91 3.86
CA ASN B 18 14.26 5.25 3.29
C ASN B 18 13.11 5.35 2.30
N GLU B 19 12.97 4.32 1.46
CA GLU B 19 11.87 4.32 0.49
C GLU B 19 10.54 4.33 1.22
N LYS B 20 10.44 3.58 2.31
CA LYS B 20 9.20 3.54 3.09
C LYS B 20 8.87 4.91 3.69
N LYS B 21 9.88 5.61 4.17
CA LYS B 21 9.65 6.96 4.70
C LYS B 21 9.01 7.84 3.62
N ILE B 22 9.56 7.78 2.40
CA ILE B 22 9.07 8.60 1.30
C ILE B 22 7.66 8.17 0.91
N ALA B 23 7.47 6.86 0.74
CA ALA B 23 6.19 6.32 0.33
C ALA B 23 5.09 6.58 1.36
N GLN B 24 5.40 6.44 2.66
CA GLN B 24 4.41 6.73 3.69
C GLN B 24 3.97 8.21 3.63
N PHE B 25 4.92 9.11 3.38
CA PHE B 25 4.56 10.51 3.24
C PHE B 25 3.61 10.72 2.04
N ILE B 26 3.91 10.10 0.90
CA ILE B 26 3.04 10.23 -0.25
C ILE B 26 1.62 9.70 0.03
N LEU B 27 1.56 8.55 0.69
CA LEU B 27 0.29 7.93 0.97
C LEU B 27 -0.53 8.71 2.00
N ASN B 28 0.16 9.32 2.95
CA ASN B 28 -0.51 10.03 4.05
C ASN B 28 -0.82 11.49 3.75
N TYR B 29 -0.05 12.07 2.83
CA TYR B 29 -0.22 13.47 2.47
C TYR B 29 -0.24 13.65 0.96
N PRO B 30 -1.12 12.91 0.27
CA PRO B 30 -1.09 12.96 -1.20
C PRO B 30 -1.48 14.33 -1.75
N HIS B 31 -2.37 15.04 -1.06
CA HIS B 31 -2.72 16.38 -1.48
C HIS B 31 -1.54 17.35 -1.31
N LYS B 32 -0.86 17.27 -0.17
CA LYS B 32 0.28 18.12 0.10
C LYS B 32 1.38 17.88 -0.96
N VAL B 33 1.60 16.62 -1.33
CA VAL B 33 2.66 16.28 -2.30
C VAL B 33 2.50 16.95 -3.67
N VAL B 34 1.26 17.07 -4.15
CA VAL B 34 1.10 17.54 -5.55
C VAL B 34 1.52 18.99 -5.73
N ASN B 35 1.63 19.73 -4.63
CA ASN B 35 2.11 21.11 -4.73
C ASN B 35 3.41 21.34 -4.01
N MSE B 36 4.22 20.29 -3.95
CA MSE B 36 5.57 20.39 -3.44
C MSE B 36 6.61 19.99 -4.47
O MSE B 36 6.33 19.16 -5.34
CB MSE B 36 5.75 19.50 -2.22
CG MSE B 36 4.98 19.98 -0.99
SE MSE B 36 4.98 18.66 0.43
CE MSE B 36 6.67 19.10 1.22
N THR B 37 7.79 20.60 -4.38
CA THR B 37 8.92 20.16 -5.17
C THR B 37 9.62 18.99 -4.46
N SER B 38 10.46 18.27 -5.20
CA SER B 38 11.19 17.15 -4.59
C SER B 38 12.13 17.65 -3.49
N GLN B 39 12.68 18.85 -3.65
CA GLN B 39 13.53 19.45 -2.64
C GLN B 39 12.73 19.74 -1.36
N GLU B 40 11.50 20.22 -1.52
CA GLU B 40 10.62 20.46 -0.37
C GLU B 40 10.27 19.19 0.38
N ILE B 41 9.96 18.12 -0.36
CA ILE B 41 9.65 16.85 0.27
C ILE B 41 10.89 16.32 0.99
N ALA B 42 12.06 16.42 0.33
CA ALA B 42 13.31 15.98 0.92
C ALA B 42 13.59 16.69 2.24
N ASN B 43 13.39 18.01 2.27
CA ASN B 43 13.63 18.76 3.49
C ASN B 43 12.66 18.36 4.61
N GLN B 44 11.41 18.10 4.25
CA GLN B 44 10.43 17.62 5.23
C GLN B 44 10.83 16.29 5.86
N LEU B 45 11.44 15.41 5.05
CA LEU B 45 11.69 14.03 5.47
C LEU B 45 13.13 13.77 5.88
N GLU B 46 13.97 14.79 5.95
CA GLU B 46 15.41 14.61 6.23
C GLU B 46 16.03 13.55 5.32
N THR B 47 15.76 13.70 4.03
CA THR B 47 16.36 12.83 3.02
C THR B 47 16.76 13.66 1.80
N SER B 48 17.29 12.98 0.79
CA SER B 48 17.78 13.68 -0.39
C SER B 48 16.72 13.82 -1.44
N SER B 49 16.77 14.93 -2.16
CA SER B 49 15.94 15.10 -3.35
C SER B 49 16.16 13.95 -4.37
N THR B 50 17.41 13.51 -4.55
CA THR B 50 17.67 12.40 -5.45
CA THR B 50 17.63 12.40 -5.47
C THR B 50 16.93 11.11 -5.03
N SER B 51 16.86 10.86 -3.72
CA SER B 51 16.14 9.66 -3.27
C SER B 51 14.63 9.76 -3.57
N ILE B 52 14.07 10.97 -3.48
CA ILE B 52 12.65 11.18 -3.84
C ILE B 52 12.45 10.89 -5.33
N ILE B 53 13.37 11.41 -6.14
CA ILE B 53 13.27 11.23 -7.58
C ILE B 53 13.43 9.75 -7.94
N ARG B 54 14.41 9.09 -7.31
CA ARG B 54 14.58 7.65 -7.52
C ARG B 54 13.33 6.84 -7.14
N LEU B 55 12.73 7.13 -5.99
CA LEU B 55 11.54 6.38 -5.58
C LEU B 55 10.42 6.63 -6.59
N SER B 56 10.29 7.89 -7.01
CA SER B 56 9.25 8.24 -7.98
C SER B 56 9.38 7.44 -9.28
N LYS B 57 10.61 7.35 -9.80
CA LYS B 57 10.88 6.58 -11.01
C LYS B 57 10.67 5.09 -10.82
N LYS B 58 10.91 4.62 -9.60
CA LYS B 58 10.64 3.22 -9.25
C LYS B 58 9.15 2.89 -9.35
N VAL B 59 8.28 3.80 -8.96
CA VAL B 59 6.85 3.51 -8.97
C VAL B 59 6.11 3.95 -10.24
N THR B 60 6.70 4.87 -11.01
CA THR B 60 6.08 5.33 -12.27
C THR B 60 7.19 5.81 -13.22
N PRO B 61 7.15 5.37 -14.49
CA PRO B 61 8.31 5.62 -15.35
C PRO B 61 8.63 7.10 -15.62
N GLY B 62 7.61 7.96 -15.64
CA GLY B 62 7.83 9.40 -15.75
C GLY B 62 8.36 10.14 -14.52
N GLY B 63 8.64 9.40 -13.45
CA GLY B 63 9.26 10.02 -12.28
C GLY B 63 8.34 10.99 -11.54
N PHE B 64 8.98 11.96 -10.91
CA PHE B 64 8.34 12.80 -9.92
C PHE B 64 7.17 13.61 -10.48
N ASN B 65 7.38 14.28 -11.60
CA ASN B 65 6.29 15.04 -12.18
C ASN B 65 5.10 14.14 -12.59
N GLU B 66 5.38 12.95 -13.11
CA GLU B 66 4.32 12.02 -13.46
C GLU B 66 3.61 11.48 -12.22
N LEU B 67 4.38 11.26 -11.15
CA LEU B 67 3.78 10.85 -9.88
C LEU B 67 2.73 11.90 -9.48
N LYS B 68 3.09 13.17 -9.55
CA LYS B 68 2.16 14.23 -9.15
C LYS B 68 0.95 14.28 -10.08
N THR B 69 1.14 14.05 -11.39
CA THR B 69 0.04 14.02 -12.34
CA THR B 69 0.00 14.08 -12.30
C THR B 69 -0.93 12.92 -12.01
N ARG B 70 -0.39 11.72 -11.77
CA ARG B 70 -1.22 10.59 -11.42
C ARG B 70 -1.97 10.79 -10.11
N LEU B 71 -1.27 11.30 -9.09
CA LEU B 71 -1.93 11.61 -7.81
C LEU B 71 -3.09 12.57 -8.01
N SER B 72 -2.92 13.55 -8.90
CA SER B 72 -3.94 14.60 -9.01
C SER B 72 -5.28 14.05 -9.48
N LYS B 73 -5.26 12.93 -10.21
CA LYS B 73 -6.47 12.27 -10.66
C LYS B 73 -7.33 11.79 -9.51
N PHE B 74 -6.72 11.59 -8.36
CA PHE B 74 -7.44 11.08 -7.18
C PHE B 74 -7.68 12.14 -6.13
N LEU B 75 -7.39 13.39 -6.49
CA LEU B 75 -7.65 14.52 -5.61
C LEU B 75 -8.92 15.22 -6.02
N PRO B 76 -9.44 16.09 -5.14
CA PRO B 76 -10.70 16.76 -5.47
C PRO B 76 -10.54 17.63 -6.72
N LYS B 77 -11.57 17.67 -7.55
CA LYS B 77 -11.56 18.60 -8.66
C LYS B 77 -11.79 20.01 -8.14
N GLU B 78 -11.36 21.01 -8.90
CA GLU B 78 -11.44 22.39 -8.48
C GLU B 78 -12.50 23.14 -9.29
N VAL B 79 -13.13 24.12 -8.67
CA VAL B 79 -14.22 24.85 -9.30
C VAL B 79 -13.71 25.73 -10.43
N THR B 80 -14.36 25.63 -11.59
CA THR B 80 -13.94 26.44 -12.74
CA THR B 80 -13.98 26.41 -12.78
C THR B 80 -14.54 27.83 -12.69
N GLN B 81 -15.82 27.90 -12.30
CA GLN B 81 -16.52 29.17 -12.23
C GLN B 81 -17.44 29.12 -11.04
N TYR B 82 -17.33 30.14 -10.18
CA TYR B 82 -18.19 30.29 -9.02
CA TYR B 82 -18.20 30.26 -9.01
C TYR B 82 -19.49 30.99 -9.37
N ASN B 83 -20.50 30.20 -9.71
CA ASN B 83 -21.80 30.70 -10.14
C ASN B 83 -22.85 30.37 -9.09
N VAL B 84 -23.56 31.39 -8.63
CA VAL B 84 -24.55 31.23 -7.57
C VAL B 84 -25.82 30.56 -8.08
N ASN B 97 -16.16 21.38 -13.08
CA ASN B 97 -14.92 21.31 -12.30
C ASN B 97 -13.72 20.87 -13.16
N LYS B 98 -12.50 21.09 -12.63
CA LYS B 98 -11.28 20.82 -13.39
C LYS B 98 -10.30 20.00 -12.55
N LEU B 99 -9.39 19.30 -13.23
CA LEU B 99 -8.36 18.50 -12.56
C LEU B 99 -7.61 19.32 -11.54
N HIS B 100 -7.40 18.75 -10.35
CA HIS B 100 -6.66 19.45 -9.31
C HIS B 100 -5.32 19.91 -9.84
N SER B 101 -4.92 21.10 -9.44
CA SER B 101 -3.60 21.63 -9.80
C SER B 101 -2.43 20.74 -9.38
N ARG B 102 -1.32 20.85 -10.10
CA ARG B 102 -0.08 20.17 -9.73
C ARG B 102 0.99 21.25 -9.66
CL CL C . 13.55 -12.80 0.84
NI NI D . -3.88 1.93 4.14
NA NA E . -1.96 -12.39 -7.00
O1 MXE F . -17.00 -17.46 2.23
C1 MXE F . -17.08 -16.32 1.38
C2 MXE F . -16.78 -16.66 -0.06
O2 MXE F . -16.50 -18.04 -0.13
C3 MXE F . -15.88 -18.49 -1.34
O1 MXE G . -3.75 -13.22 17.10
C1 MXE G . -4.75 -13.97 16.38
C2 MXE G . -4.71 -15.46 16.68
O2 MXE G . -6.05 -15.92 16.52
C3 MXE G . -6.33 -17.33 16.60
C TRS H . -9.02 22.30 -2.96
C1 TRS H . -8.53 22.69 -1.57
C2 TRS H . -10.23 23.18 -3.28
C3 TRS H . -9.34 20.81 -3.09
N TRS H . -7.88 22.59 -3.88
O1 TRS H . -7.20 22.16 -1.36
O2 TRS H . -10.68 22.92 -4.62
O3 TRS H . -8.13 20.04 -2.95
C TRS I . -3.11 4.56 4.07
C1 TRS I . -1.75 3.89 4.16
C2 TRS I . -3.69 4.49 2.67
C3 TRS I . -3.00 6.03 4.50
N TRS I . -4.00 3.80 4.99
O1 TRS I . -1.86 2.48 3.87
O2 TRS I . -4.17 3.16 2.40
O3 TRS I . -2.43 6.15 5.80
CL CL J . -5.44 -1.76 -1.32
NI NI K . -6.41 21.28 -3.17
#